data_6QQZ
#
_entry.id   6QQZ
#
_cell.length_a   74.779
_cell.length_b   77.775
_cell.length_c   86.438
_cell.angle_alpha   90.000
_cell.angle_beta   90.000
_cell.angle_gamma   90.000
#
_symmetry.space_group_name_H-M   'P 21 21 21'
#
loop_
_entity.id
_entity.type
_entity.pdbx_description
1 polymer 'tRNA (guanine-N(1)-)-methyltransferase'
2 non-polymer 5-azanyl-3-[1-(pyridin-3-ylmethyl)indol-6-yl]-1~{H}-pyrazole-4-carbonitrile
3 non-polymer 'SULFATE ION'
4 water water
#
_entity_poly.entity_id   1
_entity_poly.type   'polypeptide(L)'
_entity_poly.pdbx_seq_one_letter_code
;GSMKIDVVTIFPEYLQPVRQSLPGKAIDAGLVDVAVHDLRRWTHDVHKSVDDSPYGGGPGMVMKPTVWGDALDEICTSET
LLVVPTPAGYPFTQETAWQWSTEDHLVIACGRYEGIDQRVADDAATRMRVREVSIGDYVLNGGEAAALVIIEAVLRLVPG
VLGNALSAQEDSHSEGMASLLEGPSYTRPPSWRGMDVPPVLLSGDHAKIAAWRAEQSRQRTIERRPDLLGFDSPTGEHGG
DGLS
;
_entity_poly.pdbx_strand_id   A,B
#
loop_
_chem_comp.id
_chem_comp.type
_chem_comp.name
_chem_comp.formula
JEB non-polymer 5-azanyl-3-[1-(pyridin-3-ylmethyl)indol-6-yl]-1~{H}-pyrazole-4-carbonitrile 'C18 H14 N6'
SO4 non-polymer 'SULFATE ION' 'O4 S -2'
#
# COMPACT_ATOMS: atom_id res chain seq x y z
N SER A 2 -17.42 -16.46 0.82
CA SER A 2 -18.30 -15.39 1.28
C SER A 2 -17.59 -14.52 2.33
N MET A 3 -17.13 -13.35 1.92
CA MET A 3 -16.48 -12.45 2.87
C MET A 3 -17.16 -11.09 2.92
N LYS A 4 -17.39 -10.60 4.13
CA LYS A 4 -17.87 -9.24 4.34
C LYS A 4 -16.70 -8.39 4.81
N ILE A 5 -16.49 -7.23 4.17
CA ILE A 5 -15.53 -6.25 4.66
C ILE A 5 -16.26 -4.96 4.99
N ASP A 6 -16.10 -4.49 6.23
CA ASP A 6 -16.58 -3.17 6.63
C ASP A 6 -15.39 -2.27 6.82
N VAL A 7 -15.40 -1.09 6.22
CA VAL A 7 -14.32 -0.13 6.43
C VAL A 7 -14.86 1.10 7.15
N VAL A 8 -14.18 1.55 8.19
CA VAL A 8 -14.63 2.73 8.94
C VAL A 8 -13.60 3.84 8.78
N THR A 9 -14.05 5.02 8.37
CA THR A 9 -13.14 6.09 7.99
C THR A 9 -13.82 7.45 8.05
N ILE A 10 -13.06 8.51 8.23
CA ILE A 10 -13.67 9.84 8.12
C ILE A 10 -13.61 10.34 6.68
N PHE A 11 -13.02 9.52 5.81
CA PHE A 11 -13.02 9.84 4.37
C PHE A 11 -13.57 8.70 3.53
N PRO A 12 -14.89 8.45 3.61
CA PRO A 12 -15.51 7.34 2.89
C PRO A 12 -15.24 7.37 1.38
N GLU A 13 -15.10 8.56 0.82
CA GLU A 13 -14.92 8.69 -0.62
C GLU A 13 -13.60 8.07 -1.08
N TYR A 14 -12.65 7.97 -0.15
CA TYR A 14 -11.33 7.43 -0.49
C TYR A 14 -11.42 5.95 -0.87
N LEU A 15 -12.46 5.27 -0.38
CA LEU A 15 -12.58 3.83 -0.61
C LEU A 15 -13.39 3.54 -1.87
N GLN A 16 -13.80 4.60 -2.57
CA GLN A 16 -14.53 4.46 -3.84
C GLN A 16 -13.87 3.48 -4.84
N PRO A 17 -12.53 3.50 -4.99
CA PRO A 17 -11.94 2.54 -5.93
C PRO A 17 -12.27 1.09 -5.65
N VAL A 18 -12.34 0.71 -4.37
CA VAL A 18 -12.61 -0.67 -4.02
C VAL A 18 -13.98 -1.08 -4.55
N ARG A 19 -14.99 -0.25 -4.27
CA ARG A 19 -16.34 -0.50 -4.76
C ARG A 19 -16.37 -0.70 -6.28
N GLN A 20 -15.54 0.06 -6.99
CA GLN A 20 -15.43 -0.04 -8.45
C GLN A 20 -14.67 -1.30 -8.89
N SER A 21 -13.71 -1.74 -8.08
CA SER A 21 -12.90 -2.91 -8.39
C SER A 21 -13.71 -4.21 -8.44
N LEU A 22 -14.85 -4.25 -7.77
CA LEU A 22 -15.59 -5.49 -7.60
C LEU A 22 -16.50 -5.82 -8.78
N PRO A 23 -16.27 -6.99 -9.41
CA PRO A 23 -17.11 -7.53 -10.48
C PRO A 23 -18.51 -7.87 -9.99
N GLY A 24 -19.51 -7.58 -10.82
CA GLY A 24 -20.90 -7.80 -10.45
C GLY A 24 -21.20 -9.26 -10.15
N LYS A 25 -20.57 -10.15 -10.91
CA LYS A 25 -20.80 -11.60 -10.75
C LYS A 25 -20.45 -12.08 -9.34
N ALA A 26 -19.41 -11.51 -8.75
CA ALA A 26 -18.98 -11.91 -7.41
C ALA A 26 -19.92 -11.36 -6.34
N ILE A 27 -20.43 -10.16 -6.56
CA ILE A 27 -21.41 -9.57 -5.65
C ILE A 27 -22.72 -10.33 -5.75
N ASP A 28 -23.16 -10.59 -6.98
CA ASP A 28 -24.41 -11.30 -7.22
C ASP A 28 -24.36 -12.73 -6.70
N ALA A 29 -23.18 -13.35 -6.73
CA ALA A 29 -23.02 -14.70 -6.23
C ALA A 29 -22.86 -14.72 -4.71
N GLY A 30 -22.90 -13.55 -4.08
CA GLY A 30 -22.80 -13.46 -2.63
C GLY A 30 -21.44 -13.91 -2.12
N LEU A 31 -20.41 -13.69 -2.93
CA LEU A 31 -19.05 -14.07 -2.56
C LEU A 31 -18.38 -12.96 -1.77
N VAL A 32 -18.81 -11.73 -1.98
CA VAL A 32 -18.15 -10.60 -1.33
C VAL A 32 -19.10 -9.42 -1.17
N ASP A 33 -18.92 -8.70 -0.08
CA ASP A 33 -19.64 -7.46 0.17
C ASP A 33 -18.67 -6.50 0.90
N VAL A 34 -18.43 -5.34 0.31
CA VAL A 34 -17.61 -4.30 0.93
C VAL A 34 -18.49 -3.10 1.25
N ALA A 35 -18.53 -2.71 2.52
CA ALA A 35 -19.32 -1.58 2.94
C ALA A 35 -18.43 -0.54 3.60
N VAL A 36 -18.65 0.74 3.28
CA VAL A 36 -17.81 1.79 3.85
C VAL A 36 -18.66 2.69 4.73
N HIS A 37 -18.15 3.00 5.92
CA HIS A 37 -18.90 3.74 6.92
C HIS A 37 -18.18 5.01 7.31
N ASP A 38 -18.90 6.13 7.32
CA ASP A 38 -18.37 7.38 7.83
C ASP A 38 -18.27 7.35 9.36
N LEU A 39 -17.06 7.48 9.92
CA LEU A 39 -16.90 7.46 11.36
C LEU A 39 -17.79 8.50 12.05
N ARG A 40 -18.11 9.60 11.38
CA ARG A 40 -18.81 10.67 12.07
C ARG A 40 -20.25 10.29 12.40
N ARG A 41 -20.73 9.18 11.86
CA ARG A 41 -22.05 8.67 12.24
C ARG A 41 -22.11 8.34 13.74
N TRP A 42 -20.95 8.11 14.35
CA TRP A 42 -20.93 7.73 15.75
C TRP A 42 -20.40 8.82 16.66
N THR A 43 -20.36 10.06 16.19
CA THR A 43 -19.91 11.14 17.06
C THR A 43 -21.02 11.54 18.03
N HIS A 44 -20.65 12.22 19.11
CA HIS A 44 -21.57 12.52 20.20
C HIS A 44 -22.07 13.94 20.22
N ASP A 45 -21.39 14.81 19.50
CA ASP A 45 -21.61 16.25 19.66
C ASP A 45 -22.01 16.91 18.35
N VAL A 46 -22.52 18.12 18.46
CA VAL A 46 -23.01 18.84 17.30
C VAL A 46 -21.84 19.18 16.37
N HIS A 47 -20.61 19.22 16.91
CA HIS A 47 -19.44 19.54 16.09
C HIS A 47 -18.84 18.28 15.45
N LYS A 48 -19.47 17.14 15.70
CA LYS A 48 -19.05 15.85 15.13
C LYS A 48 -17.56 15.63 15.31
N SER A 49 -17.10 15.75 16.55
CA SER A 49 -15.67 15.67 16.87
C SER A 49 -15.14 14.23 16.83
N VAL A 50 -14.02 14.02 16.13
CA VAL A 50 -13.43 12.69 16.10
C VAL A 50 -12.04 12.65 16.69
N ASP A 51 -11.50 13.83 17.05
CA ASP A 51 -10.15 13.89 17.58
C ASP A 51 -10.04 14.86 18.75
N ASP A 52 -8.92 14.78 19.47
CA ASP A 52 -8.71 15.55 20.69
C ASP A 52 -7.21 15.52 21.00
N SER A 53 -6.76 16.39 21.91
CA SER A 53 -5.32 16.55 22.16
C SER A 53 -4.71 15.34 22.89
N PRO A 54 -3.44 15.04 22.58
CA PRO A 54 -2.79 13.85 23.14
C PRO A 54 -2.38 14.04 24.59
N TYR A 55 -2.69 13.06 25.42
CA TYR A 55 -2.16 13.06 26.79
C TYR A 55 -0.64 12.96 26.73
N GLY A 56 0.01 13.77 27.56
CA GLY A 56 1.46 13.74 27.63
C GLY A 56 2.07 14.74 26.68
N GLY A 57 1.22 15.43 25.94
CA GLY A 57 1.66 16.46 25.02
C GLY A 57 2.18 15.90 23.73
N GLY A 58 2.70 16.79 22.89
CA GLY A 58 3.19 16.40 21.59
C GLY A 58 2.36 17.05 20.50
N PRO A 59 2.83 16.93 19.26
CA PRO A 59 2.13 17.53 18.12
C PRO A 59 0.98 16.65 17.68
N GLY A 60 0.09 17.21 16.88
CA GLY A 60 -0.98 16.43 16.30
C GLY A 60 -2.05 16.08 17.31
N MET A 61 -2.98 15.26 16.85
CA MET A 61 -4.18 14.95 17.62
C MET A 61 -4.36 13.44 17.63
N VAL A 62 -5.26 12.96 18.47
CA VAL A 62 -5.49 11.54 18.64
C VAL A 62 -6.97 11.29 18.44
N MET A 63 -7.33 10.22 17.75
CA MET A 63 -8.76 9.99 17.56
C MET A 63 -9.40 9.47 18.83
N LYS A 64 -10.62 9.93 19.07
CA LYS A 64 -11.34 9.71 20.33
C LYS A 64 -11.76 8.28 20.54
N PRO A 65 -11.50 7.73 21.74
CA PRO A 65 -11.91 6.35 22.00
C PRO A 65 -13.42 6.14 22.06
N THR A 66 -14.15 7.13 22.57
CA THR A 66 -15.59 6.94 22.73
C THR A 66 -16.32 6.81 21.38
N VAL A 67 -15.89 7.57 20.39
CA VAL A 67 -16.48 7.49 19.05
C VAL A 67 -16.16 6.14 18.39
N TRP A 68 -14.88 5.75 18.42
CA TRP A 68 -14.48 4.49 17.80
C TRP A 68 -15.10 3.31 18.52
N GLY A 69 -15.20 3.42 19.84
CA GLY A 69 -15.80 2.36 20.61
C GLY A 69 -17.23 2.09 20.20
N ASP A 70 -18.01 3.15 19.98
CA ASP A 70 -19.39 2.97 19.58
C ASP A 70 -19.49 2.38 18.18
N ALA A 71 -18.61 2.83 17.28
CA ALA A 71 -18.63 2.36 15.91
C ALA A 71 -18.33 0.87 15.85
N LEU A 72 -17.27 0.46 16.53
CA LEU A 72 -16.87 -0.94 16.50
C LEU A 72 -17.85 -1.82 17.24
N ASP A 73 -18.47 -1.29 18.29
CA ASP A 73 -19.51 -2.03 19.01
C ASP A 73 -20.65 -2.41 18.07
N GLU A 74 -20.99 -1.51 17.15
CA GLU A 74 -22.12 -1.76 16.26
C GLU A 74 -21.74 -2.67 15.09
N ILE A 75 -20.51 -2.50 14.58
CA ILE A 75 -20.09 -3.16 13.35
CA ILE A 75 -20.10 -3.17 13.36
C ILE A 75 -19.50 -4.55 13.61
N CYS A 76 -18.74 -4.68 14.69
CA CYS A 76 -18.04 -5.94 14.95
C CYS A 76 -18.88 -6.96 15.67
N THR A 77 -18.56 -8.23 15.47
CA THR A 77 -19.08 -9.29 16.33
C THR A 77 -17.91 -10.08 16.87
N SER A 78 -18.21 -11.13 17.63
CA SER A 78 -17.16 -12.01 18.14
C SER A 78 -16.36 -12.69 17.02
N GLU A 79 -16.94 -12.77 15.83
CA GLU A 79 -16.29 -13.49 14.74
C GLU A 79 -15.42 -12.58 13.88
N THR A 80 -15.50 -11.27 14.13
CA THR A 80 -14.77 -10.28 13.35
C THR A 80 -13.27 -10.38 13.51
N LEU A 81 -12.55 -10.23 12.40
CA LEU A 81 -11.12 -9.93 12.46
C LEU A 81 -10.96 -8.43 12.27
N LEU A 82 -10.56 -7.73 13.33
CA LEU A 82 -10.41 -6.28 13.27
C LEU A 82 -9.03 -5.91 12.81
N VAL A 83 -8.95 -5.21 11.68
CA VAL A 83 -7.68 -4.83 11.09
C VAL A 83 -7.46 -3.35 11.31
N VAL A 84 -6.32 -2.99 11.89
CA VAL A 84 -6.04 -1.60 12.22
C VAL A 84 -4.72 -1.20 11.59
N PRO A 85 -4.76 -0.52 10.44
CA PRO A 85 -3.52 -0.04 9.85
C PRO A 85 -2.82 0.94 10.78
N THR A 86 -1.49 0.87 10.84
CA THR A 86 -0.73 1.78 11.68
C THR A 86 0.72 1.67 11.26
N PRO A 87 1.42 2.80 11.26
CA PRO A 87 2.84 2.71 10.89
C PRO A 87 3.65 1.88 11.91
N ALA A 88 3.08 1.63 13.08
CA ALA A 88 3.74 0.84 14.12
C ALA A 88 3.26 -0.61 14.13
N GLY A 89 2.59 -1.04 13.06
CA GLY A 89 2.03 -2.38 13.05
C GLY A 89 3.00 -3.50 12.71
N TYR A 90 2.58 -4.74 12.96
CA TYR A 90 3.27 -5.89 12.39
C TYR A 90 3.23 -5.77 10.87
N PRO A 91 4.24 -6.31 10.18
CA PRO A 91 4.22 -6.23 8.72
C PRO A 91 3.09 -7.03 8.08
N PHE A 92 2.32 -6.36 7.22
CA PHE A 92 1.36 -7.04 6.37
C PHE A 92 2.10 -7.65 5.18
N THR A 93 2.06 -8.97 5.05
CA THR A 93 2.73 -9.65 3.95
C THR A 93 1.77 -10.53 3.19
N GLN A 94 2.26 -11.16 2.13
CA GLN A 94 1.44 -12.10 1.37
C GLN A 94 0.93 -13.24 2.25
N GLU A 95 1.73 -13.66 3.22
CA GLU A 95 1.30 -14.67 4.18
C GLU A 95 0.07 -14.19 4.94
N THR A 96 0.08 -12.92 5.31
CA THR A 96 -1.06 -12.32 5.99
C THR A 96 -2.28 -12.33 5.07
N ALA A 97 -2.08 -11.87 3.84
CA ALA A 97 -3.17 -11.81 2.87
C ALA A 97 -3.81 -13.19 2.68
N TRP A 98 -2.98 -14.23 2.58
CA TRP A 98 -3.49 -15.59 2.45
C TRP A 98 -4.31 -16.00 3.66
N GLN A 99 -3.81 -15.73 4.87
CA GLN A 99 -4.56 -16.06 6.08
C GLN A 99 -5.91 -15.35 6.14
N TRP A 100 -5.93 -14.08 5.79
CA TRP A 100 -7.16 -13.30 5.94
C TRP A 100 -8.17 -13.60 4.84
N SER A 101 -7.72 -14.23 3.75
CA SER A 101 -8.61 -14.45 2.60
C SER A 101 -9.71 -15.46 2.88
N THR A 102 -9.60 -16.22 3.98
CA THR A 102 -10.67 -17.15 4.32
C THR A 102 -11.53 -16.66 5.49
N GLU A 103 -11.30 -15.43 5.94
CA GLU A 103 -12.11 -14.86 7.02
C GLU A 103 -13.53 -14.57 6.55
N ASP A 104 -14.50 -14.72 7.44
CA ASP A 104 -15.89 -14.38 7.12
C ASP A 104 -16.16 -12.88 7.18
N HIS A 105 -15.44 -12.18 8.08
CA HIS A 105 -15.73 -10.78 8.36
C HIS A 105 -14.48 -10.01 8.74
N LEU A 106 -14.03 -9.11 7.86
CA LEU A 106 -12.98 -8.17 8.19
C LEU A 106 -13.56 -6.80 8.43
N VAL A 107 -13.12 -6.15 9.51
CA VAL A 107 -13.43 -4.76 9.76
C VAL A 107 -12.14 -3.99 9.76
N ILE A 108 -12.03 -2.99 8.90
CA ILE A 108 -10.81 -2.20 8.84
C ILE A 108 -11.05 -0.82 9.40
N ALA A 109 -10.35 -0.51 10.50
CA ALA A 109 -10.51 0.77 11.20
C ALA A 109 -9.43 1.74 10.74
N CYS A 110 -9.81 2.72 9.92
CA CYS A 110 -8.83 3.67 9.36
C CYS A 110 -8.66 4.89 10.24
N GLY A 111 -7.44 5.08 10.75
CA GLY A 111 -7.17 6.27 11.52
C GLY A 111 -6.69 7.42 10.68
N ARG A 112 -6.64 8.59 11.31
CA ARG A 112 -6.03 9.80 10.77
C ARG A 112 -5.29 10.47 11.93
N TYR A 113 -4.65 11.61 11.66
CA TYR A 113 -3.88 12.33 12.67
C TYR A 113 -2.79 11.45 13.25
N GLU A 114 -2.63 11.39 14.57
CA GLU A 114 -1.57 10.58 15.13
C GLU A 114 -2.00 9.12 15.30
N GLY A 115 -3.27 8.85 15.05
CA GLY A 115 -3.79 7.50 15.18
C GLY A 115 -4.97 7.43 16.13
N ILE A 116 -5.33 6.23 16.55
CA ILE A 116 -6.49 6.00 17.40
C ILE A 116 -6.02 5.72 18.82
N ASP A 117 -6.70 6.32 19.79
CA ASP A 117 -6.44 6.02 21.21
C ASP A 117 -6.24 4.52 21.39
N GLN A 118 -5.13 4.12 22.02
CA GLN A 118 -4.76 2.69 22.06
C GLN A 118 -5.81 1.83 22.78
N ARG A 119 -6.66 2.44 23.61
CA ARG A 119 -7.62 1.64 24.36
C ARG A 119 -8.69 1.04 23.46
N VAL A 120 -8.88 1.62 22.29
CA VAL A 120 -9.87 1.09 21.34
C VAL A 120 -9.47 -0.32 20.91
N ALA A 121 -8.27 -0.47 20.37
CA ALA A 121 -7.76 -1.78 19.99
C ALA A 121 -7.65 -2.71 21.20
N ASP A 122 -7.16 -2.18 22.31
CA ASP A 122 -6.96 -3.02 23.50
C ASP A 122 -8.29 -3.56 24.06
N ASP A 123 -9.31 -2.71 24.14
CA ASP A 123 -10.66 -3.16 24.51
C ASP A 123 -11.20 -4.16 23.49
N ALA A 124 -11.08 -3.87 22.20
CA ALA A 124 -11.62 -4.78 21.20
C ALA A 124 -10.98 -6.17 21.30
N ALA A 125 -9.70 -6.20 21.62
CA ALA A 125 -8.94 -7.45 21.66
C ALA A 125 -9.43 -8.36 22.76
N THR A 126 -10.22 -7.83 23.70
CA THR A 126 -10.74 -8.67 24.78
C THR A 126 -11.98 -9.44 24.33
N ARG A 127 -12.50 -9.14 23.13
CA ARG A 127 -13.70 -9.84 22.68
C ARG A 127 -13.63 -10.33 21.23
N MET A 128 -12.56 -9.95 20.52
CA MET A 128 -12.35 -10.37 19.13
C MET A 128 -10.87 -10.39 18.79
N ARG A 129 -10.55 -10.95 17.63
CA ARG A 129 -9.17 -10.92 17.14
C ARG A 129 -8.85 -9.56 16.54
N VAL A 130 -7.76 -8.95 16.99
CA VAL A 130 -7.35 -7.64 16.50
C VAL A 130 -5.95 -7.75 15.90
N ARG A 131 -5.77 -7.14 14.73
CA ARG A 131 -4.45 -7.12 14.09
C ARG A 131 -4.01 -5.71 13.70
N GLU A 132 -3.00 -5.18 14.39
CA GLU A 132 -2.41 -3.92 14.00
C GLU A 132 -1.31 -4.22 12.97
N VAL A 133 -1.43 -3.66 11.77
CA VAL A 133 -0.49 -4.01 10.69
C VAL A 133 -0.03 -2.79 9.95
N SER A 134 1.16 -2.88 9.34
CA SER A 134 1.67 -1.82 8.46
C SER A 134 1.96 -2.38 7.07
N ILE A 135 1.61 -1.62 6.01
CA ILE A 135 1.82 -2.12 4.65
C ILE A 135 3.21 -1.82 4.11
N GLY A 136 4.02 -1.07 4.85
CA GLY A 136 5.38 -0.82 4.38
C GLY A 136 6.12 0.23 5.18
N ASP A 137 7.41 0.39 4.88
CA ASP A 137 8.25 1.25 5.70
C ASP A 137 8.32 2.68 5.17
N TYR A 138 7.17 3.34 5.16
CA TYR A 138 7.01 4.72 4.76
C TYR A 138 5.84 5.23 5.58
N VAL A 139 5.66 6.55 5.59
CA VAL A 139 4.64 7.17 6.42
C VAL A 139 3.54 7.75 5.55
N LEU A 140 2.29 7.40 5.86
CA LEU A 140 1.14 7.95 5.15
C LEU A 140 0.41 8.93 6.05
N ASN A 141 -0.67 9.55 5.54
CA ASN A 141 -1.44 10.49 6.35
C ASN A 141 -2.52 9.80 7.18
N GLY A 142 -2.82 8.56 6.84
CA GLY A 142 -3.88 7.86 7.55
C GLY A 142 -4.02 6.46 7.00
N GLY A 143 -5.00 5.74 7.51
CA GLY A 143 -5.17 4.32 7.18
C GLY A 143 -5.82 3.98 5.85
N GLU A 144 -6.38 4.97 5.16
CA GLU A 144 -7.23 4.67 3.99
C GLU A 144 -6.46 4.02 2.83
N ALA A 145 -5.30 4.56 2.49
CA ALA A 145 -4.52 3.97 1.40
C ALA A 145 -4.08 2.55 1.76
N ALA A 146 -3.79 2.33 3.04
CA ALA A 146 -3.43 1.00 3.52
C ALA A 146 -4.61 0.02 3.40
N ALA A 147 -5.81 0.51 3.69
CA ALA A 147 -6.99 -0.32 3.54
C ALA A 147 -7.19 -0.73 2.08
N LEU A 148 -6.95 0.20 1.15
CA LEU A 148 -7.05 -0.13 -0.28
C LEU A 148 -6.12 -1.26 -0.66
N VAL A 149 -4.89 -1.17 -0.16
CA VAL A 149 -3.87 -2.18 -0.48
C VAL A 149 -4.25 -3.53 0.15
N ILE A 150 -4.65 -3.50 1.41
CA ILE A 150 -5.01 -4.73 2.09
C ILE A 150 -6.21 -5.40 1.42
N ILE A 151 -7.24 -4.60 1.09
CA ILE A 151 -8.43 -5.17 0.46
C ILE A 151 -8.07 -5.82 -0.87
N GLU A 152 -7.25 -5.13 -1.67
CA GLU A 152 -6.90 -5.72 -2.96
C GLU A 152 -6.08 -7.01 -2.82
N ALA A 153 -5.07 -6.98 -1.93
CA ALA A 153 -4.20 -8.14 -1.74
C ALA A 153 -4.97 -9.35 -1.24
N VAL A 154 -5.95 -9.09 -0.38
CA VAL A 154 -6.73 -10.18 0.20
C VAL A 154 -7.78 -10.70 -0.79
N LEU A 155 -8.53 -9.79 -1.40
CA LEU A 155 -9.66 -10.23 -2.23
C LEU A 155 -9.21 -10.91 -3.51
N ARG A 156 -8.02 -10.58 -4.01
CA ARG A 156 -7.55 -11.25 -5.22
C ARG A 156 -7.18 -12.73 -4.94
N LEU A 157 -7.11 -13.10 -3.66
CA LEU A 157 -6.87 -14.49 -3.26
C LEU A 157 -8.16 -15.26 -3.03
N VAL A 158 -9.29 -14.55 -2.97
CA VAL A 158 -10.59 -15.21 -2.82
C VAL A 158 -11.10 -15.61 -4.20
N PRO A 159 -11.32 -16.91 -4.40
CA PRO A 159 -11.72 -17.48 -5.69
C PRO A 159 -12.83 -16.69 -6.41
N GLY A 160 -12.49 -16.10 -7.55
CA GLY A 160 -13.45 -15.44 -8.41
C GLY A 160 -14.00 -14.10 -7.94
N VAL A 161 -13.29 -13.42 -7.05
CA VAL A 161 -13.77 -12.12 -6.60
C VAL A 161 -13.29 -10.99 -7.51
N LEU A 162 -11.99 -10.75 -7.58
CA LEU A 162 -11.48 -9.63 -8.37
C LEU A 162 -11.25 -10.01 -9.83
N SER A 179 12.13 -16.58 -0.98
CA SER A 179 11.56 -16.54 -2.32
C SER A 179 12.43 -15.69 -3.24
N LEU A 180 12.08 -15.67 -4.52
CA LEU A 180 12.83 -14.89 -5.50
C LEU A 180 11.90 -13.92 -6.22
N LEU A 181 12.47 -12.81 -6.69
CA LEU A 181 11.72 -11.84 -7.45
C LEU A 181 11.41 -12.35 -8.86
N GLU A 182 10.27 -11.93 -9.40
CA GLU A 182 9.91 -12.23 -10.78
C GLU A 182 10.87 -11.54 -11.74
N GLY A 183 11.26 -12.23 -12.80
CA GLY A 183 12.14 -11.64 -13.81
C GLY A 183 11.37 -10.85 -14.84
N PRO A 184 12.07 -10.37 -15.89
CA PRO A 184 11.41 -9.51 -16.87
C PRO A 184 10.45 -10.28 -17.79
N SER A 185 9.43 -9.60 -18.31
CA SER A 185 8.50 -10.20 -19.26
CA SER A 185 8.53 -10.21 -19.27
C SER A 185 8.55 -9.47 -20.59
N TYR A 186 8.25 -10.18 -21.67
CA TYR A 186 8.29 -9.63 -23.02
C TYR A 186 7.09 -10.07 -23.84
N THR A 187 6.64 -9.23 -24.76
CA THR A 187 5.62 -9.64 -25.72
C THR A 187 5.92 -9.00 -27.08
N ARG A 188 5.01 -9.16 -28.05
CA ARG A 188 5.23 -8.60 -29.39
C ARG A 188 5.34 -7.08 -29.36
N PRO A 189 6.13 -6.50 -30.28
CA PRO A 189 6.87 -7.14 -31.37
C PRO A 189 8.24 -7.66 -30.94
N PRO A 190 8.84 -8.59 -31.71
CA PRO A 190 10.11 -9.19 -31.30
C PRO A 190 11.25 -8.18 -31.24
N SER A 191 11.14 -7.10 -32.01
CA SER A 191 12.12 -6.02 -31.97
CA SER A 191 12.11 -6.01 -31.98
C SER A 191 11.40 -4.67 -31.83
N TRP A 192 11.86 -3.85 -30.89
CA TRP A 192 11.22 -2.57 -30.61
C TRP A 192 12.24 -1.55 -30.14
N ARG A 193 12.30 -0.42 -30.85
CA ARG A 193 13.26 0.65 -30.56
C ARG A 193 14.67 0.12 -30.33
N GLY A 194 15.09 -0.81 -31.18
CA GLY A 194 16.45 -1.31 -31.17
C GLY A 194 16.69 -2.43 -30.17
N MET A 195 15.65 -2.82 -29.45
CA MET A 195 15.78 -3.84 -28.41
C MET A 195 15.05 -5.12 -28.78
N ASP A 196 15.80 -6.22 -28.90
CA ASP A 196 15.23 -7.52 -29.25
C ASP A 196 14.78 -8.26 -28.00
N VAL A 197 13.66 -8.97 -28.09
CA VAL A 197 13.33 -9.93 -27.04
C VAL A 197 14.44 -10.97 -26.96
N PRO A 198 14.86 -11.34 -25.75
CA PRO A 198 15.88 -12.38 -25.60
C PRO A 198 15.57 -13.62 -26.45
N PRO A 199 16.50 -13.97 -27.37
CA PRO A 199 16.21 -15.04 -28.33
C PRO A 199 15.88 -16.38 -27.69
N VAL A 200 16.37 -16.62 -26.48
CA VAL A 200 16.08 -17.88 -25.81
C VAL A 200 14.57 -18.08 -25.67
N LEU A 201 13.82 -16.99 -25.51
CA LEU A 201 12.37 -17.09 -25.31
C LEU A 201 11.63 -17.55 -26.55
N LEU A 202 12.28 -17.42 -27.70
CA LEU A 202 11.66 -17.83 -28.96
C LEU A 202 12.26 -19.15 -29.46
N SER A 203 13.06 -19.80 -28.61
CA SER A 203 13.82 -21.00 -29.00
C SER A 203 13.04 -22.31 -29.05
N GLY A 204 11.93 -22.41 -28.32
CA GLY A 204 11.23 -23.66 -28.24
C GLY A 204 11.95 -24.71 -27.38
N ASP A 205 12.97 -24.26 -26.66
CA ASP A 205 13.68 -25.13 -25.72
C ASP A 205 13.17 -24.75 -24.34
N HIS A 206 12.10 -25.41 -23.89
CA HIS A 206 11.42 -24.90 -22.71
C HIS A 206 12.16 -25.21 -21.41
N ALA A 207 13.05 -26.20 -21.41
CA ALA A 207 13.89 -26.43 -20.24
C ALA A 207 14.92 -25.32 -20.12
N LYS A 208 15.50 -24.93 -21.25
CA LYS A 208 16.45 -23.82 -21.26
C LYS A 208 15.79 -22.48 -20.89
N ILE A 209 14.58 -22.26 -21.37
CA ILE A 209 13.84 -21.04 -21.04
C ILE A 209 13.60 -20.97 -19.53
N ALA A 210 13.20 -22.09 -18.94
CA ALA A 210 13.02 -22.13 -17.49
C ALA A 210 14.30 -21.81 -16.73
N ALA A 211 15.43 -22.37 -17.18
CA ALA A 211 16.71 -22.07 -16.54
C ALA A 211 17.10 -20.60 -16.72
N TRP A 212 16.84 -20.05 -17.91
CA TRP A 212 17.14 -18.63 -18.15
C TRP A 212 16.30 -17.74 -17.23
N ARG A 213 15.02 -18.08 -17.10
CA ARG A 213 14.16 -17.31 -16.22
C ARG A 213 14.60 -17.40 -14.77
N ALA A 214 15.01 -18.59 -14.36
CA ALA A 214 15.51 -18.78 -12.99
C ALA A 214 16.75 -17.91 -12.72
N GLU A 215 17.66 -17.82 -13.67
CA GLU A 215 18.88 -17.04 -13.49
C GLU A 215 18.55 -15.53 -13.49
N GLN A 216 17.59 -15.12 -14.33
CA GLN A 216 17.14 -13.72 -14.31
C GLN A 216 16.58 -13.34 -12.96
N SER A 217 15.78 -14.25 -12.39
CA SER A 217 15.20 -14.06 -11.07
CA SER A 217 15.21 -14.03 -11.06
C SER A 217 16.28 -13.97 -9.98
N ARG A 218 17.24 -14.88 -10.03
CA ARG A 218 18.33 -14.86 -9.07
C ARG A 218 19.11 -13.54 -9.14
N GLN A 219 19.43 -13.11 -10.36
CA GLN A 219 20.18 -11.86 -10.55
C GLN A 219 19.41 -10.66 -10.02
N ARG A 220 18.12 -10.61 -10.35
CA ARG A 220 17.31 -9.48 -9.91
C ARG A 220 17.16 -9.45 -8.38
N THR A 221 17.05 -10.62 -7.76
CA THR A 221 16.89 -10.67 -6.32
C THR A 221 18.20 -10.20 -5.67
N ILE A 222 19.33 -10.67 -6.17
CA ILE A 222 20.63 -10.19 -5.65
C ILE A 222 20.76 -8.67 -5.75
N GLU A 223 20.37 -8.11 -6.89
CA GLU A 223 20.53 -6.68 -7.11
C GLU A 223 19.53 -5.84 -6.31
N ARG A 224 18.29 -6.29 -6.24
CA ARG A 224 17.23 -5.44 -5.69
C ARG A 224 16.79 -5.79 -4.27
N ARG A 225 16.90 -7.06 -3.90
CA ARG A 225 16.44 -7.53 -2.60
C ARG A 225 17.39 -8.57 -2.01
N PRO A 226 18.64 -8.16 -1.75
CA PRO A 226 19.61 -9.12 -1.20
C PRO A 226 19.15 -9.70 0.13
N ASP A 227 18.27 -8.99 0.82
CA ASP A 227 17.73 -9.45 2.10
C ASP A 227 16.99 -10.77 1.97
N LEU A 228 16.44 -11.04 0.79
CA LEU A 228 15.69 -12.26 0.55
C LEU A 228 16.59 -13.48 0.39
N LEU A 229 17.90 -13.25 0.45
CA LEU A 229 18.87 -14.32 0.25
C LEU A 229 19.73 -14.53 1.48
N SER B 2 7.63 22.79 -5.72
CA SER B 2 6.65 22.61 -6.80
C SER B 2 6.86 21.26 -7.50
N MET B 3 5.80 20.47 -7.58
CA MET B 3 5.89 19.15 -8.21
C MET B 3 4.69 18.87 -9.12
N LYS B 4 4.96 18.25 -10.27
CA LYS B 4 3.94 17.73 -11.15
C LYS B 4 3.99 16.21 -11.14
N ILE B 5 2.83 15.56 -10.95
CA ILE B 5 2.75 14.10 -11.05
C ILE B 5 1.78 13.69 -12.14
N ASP B 6 2.26 12.88 -13.08
CA ASP B 6 1.38 12.28 -14.08
C ASP B 6 1.28 10.79 -13.80
N VAL B 7 0.06 10.27 -13.79
CA VAL B 7 -0.16 8.84 -13.60
C VAL B 7 -0.75 8.29 -14.89
N VAL B 8 -0.20 7.18 -15.38
CA VAL B 8 -0.72 6.54 -16.59
C VAL B 8 -1.26 5.17 -16.26
N THR B 9 -2.49 4.88 -16.69
CA THR B 9 -3.21 3.68 -16.25
C THR B 9 -4.34 3.34 -17.23
N ILE B 10 -4.71 2.06 -17.31
CA ILE B 10 -5.91 1.68 -18.04
C ILE B 10 -7.16 1.74 -17.16
N PHE B 11 -6.96 2.08 -15.88
CA PHE B 11 -8.08 2.29 -14.96
C PHE B 11 -8.03 3.64 -14.26
N PRO B 12 -8.20 4.74 -15.02
CA PRO B 12 -8.13 6.09 -14.44
C PRO B 12 -9.11 6.32 -13.29
N GLU B 13 -10.25 5.64 -13.29
CA GLU B 13 -11.23 5.79 -12.22
C GLU B 13 -10.70 5.37 -10.86
N TYR B 14 -9.77 4.43 -10.82
CA TYR B 14 -9.20 3.99 -9.55
C TYR B 14 -8.37 5.09 -8.89
N LEU B 15 -7.93 6.08 -9.65
CA LEU B 15 -7.05 7.12 -9.12
C LEU B 15 -7.82 8.31 -8.52
N GLN B 16 -9.15 8.24 -8.51
CA GLN B 16 -9.98 9.31 -7.94
C GLN B 16 -9.65 9.80 -6.51
N PRO B 17 -9.16 8.92 -5.61
CA PRO B 17 -8.84 9.45 -4.28
C PRO B 17 -7.79 10.57 -4.24
N VAL B 18 -7.16 10.87 -5.37
CA VAL B 18 -6.20 11.96 -5.44
C VAL B 18 -6.90 13.30 -5.68
N GLY B 30 -1.79 23.97 -4.77
CA GLY B 30 -1.19 24.94 -5.66
C GLY B 30 0.29 24.67 -5.91
N LEU B 31 0.95 24.09 -4.92
CA LEU B 31 2.38 23.76 -5.04
C LEU B 31 2.58 22.41 -5.70
N VAL B 32 1.48 21.69 -5.92
CA VAL B 32 1.55 20.38 -6.56
C VAL B 32 0.29 20.07 -7.37
N ASP B 33 0.49 19.53 -8.57
CA ASP B 33 -0.62 19.10 -9.42
C ASP B 33 -0.49 17.62 -9.75
N VAL B 34 -1.62 16.94 -9.83
CA VAL B 34 -1.63 15.52 -10.17
C VAL B 34 -2.60 15.28 -11.31
N ALA B 35 -2.10 14.69 -12.40
CA ALA B 35 -2.94 14.41 -13.56
C ALA B 35 -2.95 12.92 -13.87
N VAL B 36 -4.10 12.41 -14.28
CA VAL B 36 -4.27 10.99 -14.58
C VAL B 36 -4.60 10.81 -16.05
N HIS B 37 -3.87 9.91 -16.71
CA HIS B 37 -4.04 9.67 -18.13
C HIS B 37 -4.45 8.23 -18.42
N ASP B 38 -5.43 8.10 -19.31
CA ASP B 38 -5.88 6.80 -19.79
C ASP B 38 -4.92 6.30 -20.86
N LEU B 39 -4.20 5.20 -20.58
CA LEU B 39 -3.22 4.65 -21.51
C LEU B 39 -3.85 4.37 -22.88
N ARG B 40 -5.13 4.03 -22.89
CA ARG B 40 -5.80 3.66 -24.13
C ARG B 40 -5.94 4.83 -25.11
N ARG B 41 -5.67 6.04 -24.65
CA ARG B 41 -5.67 7.20 -25.54
C ARG B 41 -4.57 7.11 -26.61
N TRP B 42 -3.58 6.26 -26.38
CA TRP B 42 -2.44 6.16 -27.29
C TRP B 42 -2.49 4.93 -28.18
N THR B 43 -3.64 4.24 -28.22
CA THR B 43 -3.77 3.06 -29.06
C THR B 43 -4.23 3.41 -30.47
N SER B 49 -6.10 -2.51 -28.05
CA SER B 49 -5.57 -3.64 -27.31
C SER B 49 -4.19 -3.34 -26.71
N VAL B 50 -4.09 -3.35 -25.39
CA VAL B 50 -2.85 -2.95 -24.74
C VAL B 50 -1.99 -4.13 -24.31
N ASP B 51 -2.46 -5.35 -24.54
CA ASP B 51 -1.76 -6.52 -24.01
C ASP B 51 -1.69 -7.68 -25.00
N ASP B 52 -0.77 -8.61 -24.76
CA ASP B 52 -0.57 -9.75 -25.62
C ASP B 52 0.08 -10.86 -24.80
N SER B 53 0.10 -12.07 -25.32
CA SER B 53 0.63 -13.22 -24.60
C SER B 53 2.16 -13.10 -24.47
N PRO B 54 2.73 -13.68 -23.40
CA PRO B 54 4.18 -13.54 -23.16
C PRO B 54 5.05 -14.40 -24.07
N TYR B 55 6.14 -13.83 -24.57
CA TYR B 55 7.14 -14.66 -25.21
C TYR B 55 7.72 -15.64 -24.19
N GLY B 56 7.98 -16.87 -24.63
CA GLY B 56 8.54 -17.89 -23.77
C GLY B 56 7.53 -18.63 -22.93
N GLY B 57 6.27 -18.21 -23.01
CA GLY B 57 5.23 -18.91 -22.31
C GLY B 57 4.93 -18.36 -20.94
N GLY B 58 3.92 -18.93 -20.30
CA GLY B 58 3.53 -18.52 -18.98
C GLY B 58 2.08 -18.10 -18.95
N PRO B 59 1.52 -17.98 -17.75
CA PRO B 59 0.12 -17.58 -17.64
C PRO B 59 -0.03 -16.07 -17.79
N GLY B 60 -1.22 -15.63 -18.19
CA GLY B 60 -1.53 -14.22 -18.19
C GLY B 60 -1.04 -13.49 -19.42
N MET B 61 -1.08 -12.17 -19.33
CA MET B 61 -0.77 -11.34 -20.46
C MET B 61 0.28 -10.31 -20.07
N VAL B 62 0.89 -9.71 -21.07
CA VAL B 62 1.92 -8.70 -20.86
C VAL B 62 1.51 -7.43 -21.59
N MET B 63 1.70 -6.27 -20.96
CA MET B 63 1.37 -5.02 -21.66
C MET B 63 2.39 -4.72 -22.77
N LYS B 64 1.86 -4.40 -23.95
CA LYS B 64 2.66 -4.14 -25.14
C LYS B 64 3.53 -2.89 -24.98
N PRO B 65 4.78 -2.95 -25.47
CA PRO B 65 5.65 -1.78 -25.28
C PRO B 65 5.25 -0.60 -26.17
N THR B 66 4.62 -0.89 -27.29
CA THR B 66 4.34 0.13 -28.31
C THR B 66 3.45 1.24 -27.74
N VAL B 67 2.35 0.85 -27.12
CA VAL B 67 1.41 1.84 -26.58
C VAL B 67 2.06 2.66 -25.48
N TRP B 68 2.77 1.98 -24.58
CA TRP B 68 3.51 2.66 -23.52
C TRP B 68 4.55 3.64 -24.05
N GLY B 69 5.28 3.23 -25.08
CA GLY B 69 6.29 4.09 -25.68
C GLY B 69 5.70 5.40 -26.17
N ASP B 70 4.56 5.33 -26.86
CA ASP B 70 3.91 6.54 -27.35
C ASP B 70 3.41 7.42 -26.21
N ALA B 71 2.82 6.79 -25.19
CA ALA B 71 2.36 7.54 -24.02
C ALA B 71 3.50 8.28 -23.33
N LEU B 72 4.59 7.57 -23.02
CA LEU B 72 5.68 8.16 -22.25
C LEU B 72 6.44 9.19 -23.08
N ASP B 73 6.52 8.97 -24.39
CA ASP B 73 7.12 9.95 -25.31
C ASP B 73 6.49 11.32 -25.16
N GLU B 74 5.16 11.33 -25.00
CA GLU B 74 4.40 12.58 -24.94
C GLU B 74 4.47 13.24 -23.56
N ILE B 75 4.47 12.40 -22.52
CA ILE B 75 4.34 12.87 -21.15
C ILE B 75 5.69 13.18 -20.49
N CYS B 76 6.73 12.43 -20.84
CA CYS B 76 8.02 12.54 -20.17
C CYS B 76 8.98 13.47 -20.87
N THR B 77 9.89 14.06 -20.10
CA THR B 77 11.06 14.74 -20.64
C THR B 77 12.29 14.08 -20.05
N SER B 78 13.47 14.58 -20.40
CA SER B 78 14.71 14.04 -19.83
C SER B 78 14.85 14.34 -18.33
N GLU B 79 14.05 15.29 -17.83
CA GLU B 79 14.05 15.68 -16.42
C GLU B 79 13.19 14.75 -15.56
N THR B 80 12.28 14.04 -16.21
CA THR B 80 11.27 13.23 -15.55
C THR B 80 11.90 12.10 -14.73
N LEU B 81 11.34 11.83 -13.56
CA LEU B 81 11.63 10.60 -12.84
C LEU B 81 10.49 9.64 -13.14
N LEU B 82 10.80 8.60 -13.90
CA LEU B 82 9.79 7.61 -14.25
C LEU B 82 9.73 6.54 -13.17
N VAL B 83 8.56 6.43 -12.53
CA VAL B 83 8.32 5.49 -11.45
C VAL B 83 7.46 4.35 -11.96
N VAL B 84 7.94 3.13 -11.77
CA VAL B 84 7.22 1.95 -12.27
C VAL B 84 6.99 0.98 -11.12
N PRO B 85 5.77 0.99 -10.53
CA PRO B 85 5.48 -0.03 -9.52
C PRO B 85 5.56 -1.44 -10.10
N THR B 86 6.11 -2.36 -9.32
CA THR B 86 6.24 -3.74 -9.70
C THR B 86 6.55 -4.56 -8.46
N PRO B 87 5.97 -5.77 -8.34
CA PRO B 87 6.30 -6.58 -7.16
C PRO B 87 7.79 -6.97 -7.14
N ALA B 88 8.45 -6.80 -8.28
CA ALA B 88 9.87 -7.13 -8.39
C ALA B 88 10.77 -5.91 -8.24
N GLY B 89 10.21 -4.81 -7.74
CA GLY B 89 10.97 -3.57 -7.64
C GLY B 89 11.93 -3.48 -6.46
N TYR B 90 12.80 -2.47 -6.50
CA TYR B 90 13.54 -2.06 -5.31
C TYR B 90 12.52 -1.60 -4.26
N PRO B 91 12.83 -1.77 -2.97
CA PRO B 91 11.81 -1.33 -1.99
C PRO B 91 11.60 0.17 -1.98
N PHE B 92 10.34 0.58 -2.01
CA PHE B 92 9.99 1.98 -1.76
C PHE B 92 9.88 2.16 -0.25
N THR B 93 10.73 3.05 0.28
CA THR B 93 10.78 3.33 1.71
C THR B 93 10.66 4.83 1.99
N GLN B 94 10.66 5.20 3.26
CA GLN B 94 10.58 6.61 3.62
C GLN B 94 11.79 7.38 3.06
N GLU B 95 12.93 6.70 3.00
CA GLU B 95 14.11 7.30 2.36
C GLU B 95 13.81 7.67 0.90
N THR B 96 13.19 6.75 0.17
CA THR B 96 12.78 7.02 -1.21
C THR B 96 11.83 8.19 -1.29
N ALA B 97 10.89 8.24 -0.35
CA ALA B 97 9.90 9.32 -0.35
C ALA B 97 10.59 10.67 -0.17
N TRP B 98 11.55 10.75 0.77
CA TRP B 98 12.32 11.97 0.93
C TRP B 98 13.08 12.32 -0.35
N GLN B 99 13.69 11.32 -0.97
CA GLN B 99 14.47 11.59 -2.19
C GLN B 99 13.58 12.15 -3.29
N TRP B 100 12.40 11.58 -3.44
CA TRP B 100 11.52 11.98 -4.53
C TRP B 100 10.77 13.28 -4.23
N SER B 101 10.72 13.67 -2.95
CA SER B 101 9.95 14.85 -2.54
C SER B 101 10.44 16.16 -3.17
N THR B 102 11.68 16.18 -3.64
CA THR B 102 12.22 17.41 -4.23
C THR B 102 12.29 17.36 -5.75
N GLU B 103 11.66 16.35 -6.36
CA GLU B 103 11.62 16.25 -7.82
C GLU B 103 10.62 17.21 -8.42
N ASP B 104 10.89 17.66 -9.64
CA ASP B 104 9.97 18.54 -10.36
C ASP B 104 8.83 17.74 -11.02
N HIS B 105 9.13 16.51 -11.43
CA HIS B 105 8.20 15.79 -12.26
C HIS B 105 8.31 14.28 -12.09
N LEU B 106 7.26 13.70 -11.53
CA LEU B 106 7.12 12.25 -11.40
C LEU B 106 6.11 11.76 -12.42
N VAL B 107 6.48 10.72 -13.16
CA VAL B 107 5.49 10.01 -13.97
C VAL B 107 5.38 8.59 -13.44
N ILE B 108 4.16 8.17 -13.09
CA ILE B 108 3.97 6.83 -12.54
C ILE B 108 3.24 5.97 -13.56
N ALA B 109 3.96 4.98 -14.09
CA ALA B 109 3.43 4.06 -15.10
C ALA B 109 2.81 2.86 -14.41
N CYS B 110 1.47 2.79 -14.37
CA CYS B 110 0.79 1.69 -13.69
C CYS B 110 0.48 0.53 -14.60
N GLY B 111 1.09 -0.61 -14.32
CA GLY B 111 0.82 -1.82 -15.08
C GLY B 111 -0.38 -2.61 -14.57
N ARG B 112 -0.83 -3.52 -15.41
CA ARG B 112 -1.87 -4.50 -15.10
C ARG B 112 -1.41 -5.83 -15.71
N TYR B 113 -2.26 -6.84 -15.62
CA TYR B 113 -1.93 -8.19 -16.08
C TYR B 113 -0.66 -8.70 -15.40
N GLU B 114 0.28 -9.25 -16.18
CA GLU B 114 1.52 -9.72 -15.55
C GLU B 114 2.57 -8.62 -15.53
N GLY B 115 2.19 -7.43 -15.98
CA GLY B 115 3.12 -6.32 -15.96
C GLY B 115 3.39 -5.75 -17.36
N ILE B 116 4.41 -4.91 -17.44
CA ILE B 116 4.73 -4.20 -18.68
C ILE B 116 5.99 -4.81 -19.28
N ASP B 117 6.00 -4.98 -20.61
CA ASP B 117 7.18 -5.41 -21.34
C ASP B 117 8.42 -4.68 -20.84
N GLN B 118 9.47 -5.44 -20.49
CA GLN B 118 10.64 -4.86 -19.82
C GLN B 118 11.30 -3.77 -20.67
N ARG B 119 11.11 -3.82 -21.98
CA ARG B 119 11.79 -2.84 -22.84
C ARG B 119 11.26 -1.43 -22.67
N VAL B 120 10.06 -1.27 -22.11
CA VAL B 120 9.54 0.07 -21.87
C VAL B 120 10.45 0.80 -20.88
N ALA B 121 10.71 0.16 -19.73
CA ALA B 121 11.60 0.77 -18.74
C ALA B 121 13.01 0.91 -19.29
N ASP B 122 13.48 -0.10 -20.02
CA ASP B 122 14.86 -0.06 -20.53
C ASP B 122 15.03 1.07 -21.55
N ASP B 123 14.07 1.19 -22.47
CA ASP B 123 14.08 2.28 -23.43
C ASP B 123 14.03 3.63 -22.74
N ALA B 124 13.17 3.75 -21.74
CA ALA B 124 13.03 5.04 -21.04
C ALA B 124 14.33 5.42 -20.35
N ALA B 125 15.07 4.43 -19.85
CA ALA B 125 16.28 4.70 -19.09
C ALA B 125 17.39 5.25 -19.98
N THR B 126 17.22 5.18 -21.29
CA THR B 126 18.20 5.76 -22.21
C THR B 126 18.03 7.27 -22.33
N ARG B 127 16.93 7.81 -21.81
CA ARG B 127 16.71 9.25 -21.91
C ARG B 127 16.27 9.91 -20.60
N MET B 128 15.93 9.12 -19.59
CA MET B 128 15.54 9.67 -18.30
C MET B 128 15.89 8.71 -17.17
N ARG B 129 15.74 9.16 -15.93
CA ARG B 129 15.93 8.31 -14.76
C ARG B 129 14.69 7.46 -14.52
N VAL B 130 14.90 6.17 -14.28
CA VAL B 130 13.77 5.25 -14.13
C VAL B 130 13.94 4.48 -12.84
N ARG B 131 12.84 4.31 -12.10
CA ARG B 131 12.89 3.61 -10.83
C ARG B 131 11.77 2.57 -10.76
N GLU B 132 12.15 1.30 -10.79
CA GLU B 132 11.19 0.22 -10.56
C GLU B 132 11.13 -0.05 -9.07
N VAL B 133 9.94 0.08 -8.47
CA VAL B 133 9.83 -0.03 -7.02
C VAL B 133 8.63 -0.85 -6.60
N SER B 134 8.75 -1.43 -5.41
CA SER B 134 7.66 -2.18 -4.79
CA SER B 134 7.65 -2.16 -4.80
C SER B 134 7.28 -1.54 -3.45
N ILE B 135 5.98 -1.41 -3.20
CA ILE B 135 5.58 -0.80 -1.93
C ILE B 135 5.50 -1.82 -0.78
N GLY B 136 5.73 -3.08 -1.06
CA GLY B 136 5.67 -4.05 0.02
C GLY B 136 5.62 -5.48 -0.45
N ASP B 137 5.77 -6.42 0.48
CA ASP B 137 5.90 -7.83 0.12
C ASP B 137 4.56 -8.54 0.13
N TYR B 138 3.70 -8.13 -0.80
CA TYR B 138 2.41 -8.75 -1.03
C TYR B 138 2.13 -8.52 -2.51
N VAL B 139 1.13 -9.20 -3.04
CA VAL B 139 0.85 -9.10 -4.47
C VAL B 139 -0.46 -8.37 -4.71
N LEU B 140 -0.42 -7.40 -5.61
CA LEU B 140 -1.59 -6.65 -6.06
C LEU B 140 -2.00 -7.07 -7.47
N ASN B 141 -3.12 -6.54 -7.97
CA ASN B 141 -3.51 -6.84 -9.35
C ASN B 141 -2.94 -5.84 -10.35
N GLY B 142 -2.37 -4.75 -9.86
CA GLY B 142 -1.86 -3.72 -10.72
C GLY B 142 -1.19 -2.61 -9.95
N GLY B 143 -0.69 -1.62 -10.68
CA GLY B 143 0.11 -0.56 -10.10
C GLY B 143 -0.64 0.57 -9.43
N GLU B 144 -1.96 0.65 -9.65
CA GLU B 144 -2.73 1.82 -9.22
C GLU B 144 -2.74 2.04 -7.71
N ALA B 145 -2.96 1.00 -6.92
CA ALA B 145 -2.95 1.17 -5.46
C ALA B 145 -1.56 1.57 -4.98
N ALA B 146 -0.54 1.02 -5.61
CA ALA B 146 0.84 1.42 -5.31
C ALA B 146 1.06 2.88 -5.64
N ALA B 147 0.55 3.33 -6.80
CA ALA B 147 0.63 4.74 -7.16
C ALA B 147 0.00 5.63 -6.07
N LEU B 148 -1.14 5.22 -5.53
CA LEU B 148 -1.82 6.03 -4.52
C LEU B 148 -0.97 6.13 -3.24
N VAL B 149 -0.36 5.01 -2.86
CA VAL B 149 0.55 4.99 -1.71
C VAL B 149 1.77 5.87 -1.94
N ILE B 150 2.39 5.74 -3.11
CA ILE B 150 3.59 6.53 -3.38
C ILE B 150 3.29 8.03 -3.39
N ILE B 151 2.20 8.41 -4.07
CA ILE B 151 1.80 9.81 -4.09
C ILE B 151 1.55 10.36 -2.68
N GLU B 152 0.82 9.61 -1.86
CA GLU B 152 0.55 10.10 -0.50
C GLU B 152 1.82 10.26 0.31
N ALA B 153 2.71 9.27 0.23
CA ALA B 153 3.94 9.30 1.02
C ALA B 153 4.86 10.43 0.57
N VAL B 154 4.88 10.71 -0.73
CA VAL B 154 5.77 11.74 -1.27
C VAL B 154 5.22 13.15 -1.05
N LEU B 155 3.94 13.35 -1.35
CA LEU B 155 3.37 14.69 -1.31
C LEU B 155 3.39 15.31 0.07
N ARG B 156 3.26 14.49 1.11
CA ARG B 156 3.26 15.03 2.46
C ARG B 156 4.65 15.55 2.88
N LEU B 157 5.67 15.24 2.10
CA LEU B 157 7.04 15.70 2.38
C LEU B 157 7.46 16.89 1.53
N VAL B 158 6.65 17.24 0.54
CA VAL B 158 7.03 18.32 -0.38
C VAL B 158 7.11 19.63 0.35
N PRO B 159 8.24 20.36 0.19
CA PRO B 159 8.42 21.60 0.95
C PRO B 159 7.25 22.56 0.78
N GLY B 160 6.65 22.97 1.88
CA GLY B 160 5.48 23.82 1.85
C GLY B 160 4.18 23.07 2.04
N VAL B 161 4.27 21.78 2.41
CA VAL B 161 3.09 20.97 2.67
C VAL B 161 3.16 20.35 4.07
N SER B 179 13.96 3.13 11.72
CA SER B 179 14.46 3.58 13.01
C SER B 179 13.71 2.88 14.15
N LEU B 180 12.65 3.52 14.64
CA LEU B 180 11.84 2.97 15.73
C LEU B 180 10.36 3.12 15.43
N LEU B 181 9.56 2.18 15.92
CA LEU B 181 8.11 2.24 15.78
C LEU B 181 7.52 3.21 16.78
N GLU B 182 6.50 3.95 16.37
CA GLU B 182 5.86 4.87 17.30
C GLU B 182 5.09 4.10 18.37
N GLY B 183 5.04 4.67 19.56
CA GLY B 183 4.33 4.08 20.67
C GLY B 183 2.86 4.43 20.67
N PRO B 184 2.13 3.99 21.71
CA PRO B 184 0.69 4.24 21.76
C PRO B 184 0.35 5.69 22.11
N SER B 185 -0.81 6.14 21.64
CA SER B 185 -1.31 7.49 21.92
C SER B 185 -2.63 7.38 22.66
N TYR B 186 -2.93 8.41 23.45
CA TYR B 186 -4.16 8.47 24.24
C TYR B 186 -4.73 9.87 24.28
N THR B 187 -6.06 9.95 24.44
CA THR B 187 -6.68 11.24 24.67
C THR B 187 -7.85 11.03 25.65
N ARG B 188 -8.65 12.07 25.83
CA ARG B 188 -9.71 12.05 26.85
C ARG B 188 -10.84 11.07 26.51
N PRO B 189 -11.50 10.49 27.53
CA PRO B 189 -11.35 10.68 28.98
C PRO B 189 -10.19 9.88 29.57
N PRO B 190 -9.71 10.26 30.76
CA PRO B 190 -8.56 9.54 31.32
C PRO B 190 -8.91 8.12 31.77
N SER B 191 -10.19 7.85 31.98
CA SER B 191 -10.63 6.49 32.25
C SER B 191 -11.77 6.18 31.31
N TRP B 192 -11.70 5.05 30.61
CA TRP B 192 -12.70 4.67 29.61
C TRP B 192 -12.91 3.15 29.60
N ARG B 193 -14.15 2.74 29.85
CA ARG B 193 -14.46 1.31 29.98
C ARG B 193 -13.58 0.63 31.02
N GLY B 194 -13.17 1.38 32.04
CA GLY B 194 -12.35 0.83 33.10
C GLY B 194 -10.91 0.68 32.69
N MET B 195 -10.56 1.25 31.55
CA MET B 195 -9.16 1.28 31.08
C MET B 195 -8.57 2.67 31.27
N ASP B 196 -7.47 2.74 32.02
CA ASP B 196 -6.86 4.04 32.33
C ASP B 196 -5.77 4.41 31.35
N VAL B 197 -5.68 5.70 31.09
CA VAL B 197 -4.52 6.24 30.41
C VAL B 197 -3.33 6.05 31.35
N PRO B 198 -2.17 5.62 30.81
CA PRO B 198 -1.00 5.45 31.67
C PRO B 198 -0.74 6.69 32.51
N PRO B 199 -0.67 6.53 33.85
CA PRO B 199 -0.62 7.67 34.76
C PRO B 199 0.53 8.64 34.48
N VAL B 200 1.65 8.12 33.98
CA VAL B 200 2.79 8.98 33.67
C VAL B 200 2.39 10.08 32.68
N LEU B 201 1.48 9.76 31.76
CA LEU B 201 1.09 10.74 30.73
C LEU B 201 0.25 11.87 31.31
N LEU B 202 -0.30 11.63 32.50
CA LEU B 202 -1.09 12.65 33.19
C LEU B 202 -0.23 13.45 34.18
N SER B 203 1.02 13.03 34.36
CA SER B 203 1.86 13.58 35.42
C SER B 203 2.49 14.94 35.11
N GLY B 204 2.54 15.30 33.83
CA GLY B 204 3.14 16.55 33.42
C GLY B 204 4.65 16.58 33.54
N ASP B 205 5.25 15.43 33.82
CA ASP B 205 6.70 15.30 33.94
C ASP B 205 7.31 14.95 32.58
N HIS B 206 7.80 15.97 31.88
CA HIS B 206 8.29 15.80 30.51
C HIS B 206 9.38 14.73 30.37
N ALA B 207 10.31 14.67 31.31
CA ALA B 207 11.40 13.70 31.22
C ALA B 207 10.91 12.28 31.42
N LYS B 208 10.02 12.09 32.41
CA LYS B 208 9.44 10.78 32.64
C LYS B 208 8.52 10.35 31.49
N ILE B 209 7.79 11.30 30.91
CA ILE B 209 6.94 11.01 29.77
C ILE B 209 7.78 10.62 28.55
N ALA B 210 8.86 11.34 28.32
CA ALA B 210 9.73 11.05 27.19
C ALA B 210 10.36 9.67 27.33
N ALA B 211 10.72 9.30 28.55
CA ALA B 211 11.36 8.01 28.80
C ALA B 211 10.39 6.85 28.69
N TRP B 212 9.17 7.04 29.20
CA TRP B 212 8.15 6.00 29.11
C TRP B 212 7.83 5.74 27.62
N ARG B 213 7.73 6.82 26.86
CA ARG B 213 7.41 6.72 25.44
C ARG B 213 8.54 6.07 24.66
N ALA B 214 9.78 6.35 25.05
CA ALA B 214 10.94 5.72 24.41
C ALA B 214 10.91 4.22 24.66
N GLU B 215 10.59 3.84 25.89
CA GLU B 215 10.47 2.45 26.29
C GLU B 215 9.32 1.75 25.56
N GLN B 216 8.19 2.44 25.39
CA GLN B 216 7.08 1.84 24.65
C GLN B 216 7.48 1.58 23.21
N SER B 217 8.15 2.55 22.60
CA SER B 217 8.59 2.45 21.22
CA SER B 217 8.59 2.44 21.22
C SER B 217 9.59 1.30 21.03
N ARG B 218 10.56 1.22 21.93
CA ARG B 218 11.56 0.18 21.79
C ARG B 218 10.94 -1.19 22.05
N GLN B 219 9.99 -1.26 22.99
CA GLN B 219 9.28 -2.50 23.27
C GLN B 219 8.44 -2.96 22.06
N ARG B 220 7.76 -2.02 21.44
CA ARG B 220 6.99 -2.31 20.23
C ARG B 220 7.87 -2.75 19.08
N THR B 221 9.04 -2.12 18.96
CA THR B 221 9.90 -2.39 17.83
C THR B 221 10.49 -3.79 17.94
N ILE B 222 10.93 -4.17 19.14
CA ILE B 222 11.42 -5.52 19.38
C ILE B 222 10.35 -6.58 19.07
N GLU B 223 9.12 -6.31 19.49
CA GLU B 223 8.01 -7.24 19.32
C GLU B 223 7.57 -7.37 17.87
N ARG B 224 7.44 -6.24 17.19
CA ARG B 224 6.80 -6.21 15.87
C ARG B 224 7.74 -6.13 14.69
N ARG B 225 8.86 -5.42 14.86
CA ARG B 225 9.83 -5.23 13.78
C ARG B 225 11.25 -5.39 14.28
N PRO B 226 11.60 -6.59 14.75
CA PRO B 226 12.93 -6.76 15.33
C PRO B 226 14.03 -6.50 14.30
N ASP B 227 13.70 -6.63 13.02
CA ASP B 227 14.69 -6.34 11.97
C ASP B 227 15.19 -4.90 12.01
N LEU B 228 14.33 -3.97 12.45
CA LEU B 228 14.72 -2.56 12.51
C LEU B 228 15.86 -2.30 13.50
N LEU B 229 15.99 -3.19 14.48
CA LEU B 229 17.04 -3.08 15.50
C LEU B 229 18.15 -4.11 15.26
N GLY B 230 18.15 -4.74 14.10
CA GLY B 230 19.19 -5.69 13.75
C GLY B 230 19.04 -7.07 14.33
N PHE B 231 17.80 -7.52 14.54
CA PHE B 231 17.57 -8.89 15.03
C PHE B 231 16.83 -9.72 14.00
N ASP B 232 16.88 -11.04 14.16
CA ASP B 232 16.20 -11.95 13.23
C ASP B 232 14.69 -11.72 13.23
N SER B 233 14.11 -11.79 12.04
CA SER B 233 12.66 -11.76 11.87
C SER B 233 12.07 -13.12 12.23
N PRO B 234 10.79 -13.14 12.65
CA PRO B 234 10.10 -14.38 13.04
C PRO B 234 10.15 -15.47 11.97
C10 JEB C . -1.68 3.93 8.98
C13 JEB C . -1.50 6.66 9.82
C17 JEB C . 0.53 8.95 11.16
C20 JEB C . 2.66 8.77 12.87
C21 JEB C . 2.85 9.42 11.64
C22 JEB C . 1.74 9.53 10.75
C24 JEB C . -3.42 6.70 11.02
N01 JEB C . 2.77 1.79 6.24
C02 JEB C . 2.13 2.92 6.78
N03 JEB C . 2.58 4.13 6.86
N04 JEB C . 1.62 4.89 7.50
C05 JEB C . 0.58 4.17 7.78
C06 JEB C . 0.84 2.90 7.41
C07 JEB C . 0.03 1.64 7.48
N08 JEB C . -0.56 0.66 7.53
C09 JEB C . -0.58 4.75 8.58
C11 JEB C . -2.69 4.49 9.79
C12 JEB C . -2.60 5.86 10.22
C14 JEB C . -0.46 6.10 9.01
N15 JEB C . -1.66 7.92 10.38
C16 JEB C . -0.71 9.05 10.19
C18 JEB C . 0.43 8.32 12.43
N19 JEB C . 1.48 8.25 13.22
C23 JEB C . -2.81 7.98 11.10
C10 JEB D . 2.63 -3.44 -9.13
C13 JEB D . 1.25 -5.50 -10.54
C17 JEB D . 1.13 -8.77 -11.00
C20 JEB D . 3.10 -10.71 -10.86
C21 JEB D . 1.98 -10.82 -10.00
C22 JEB D . 0.97 -9.82 -10.08
C24 JEB D . 1.30 -4.51 -12.58
N01 JEB D . 3.99 -4.37 -3.75
C02 JEB D . 3.31 -4.81 -4.91
N03 JEB D . 2.63 -5.88 -5.05
N04 JEB D . 2.14 -5.91 -6.35
C05 JEB D . 2.50 -4.83 -6.98
C06 JEB D . 3.26 -4.09 -6.14
C07 JEB D . 3.96 -2.75 -6.29
N08 JEB D . 4.49 -1.74 -6.34
C09 JEB D . 2.18 -4.60 -8.45
C11 JEB D . 2.38 -3.29 -10.53
C12 JEB D . 1.70 -4.34 -11.23
C14 JEB D . 1.51 -5.66 -9.13
N15 JEB D . 0.63 -6.34 -11.44
C16 JEB D . 0.03 -7.65 -11.11
C18 JEB D . 2.32 -8.74 -11.80
N19 JEB D . 3.22 -9.69 -11.70
C23 JEB D . 0.64 -5.77 -12.69
S SO4 E . 20.10 6.98 -12.76
O1 SO4 E . 18.76 6.41 -12.95
O2 SO4 E . 20.56 7.58 -14.01
O3 SO4 E . 21.01 5.91 -12.36
O4 SO4 E . 20.06 8.01 -11.72
#